data_8FBJ
#
_entry.id   8FBJ
#
_cell.length_a   89.917
_cell.length_b   89.917
_cell.length_c   124.897
_cell.angle_alpha   90.000
_cell.angle_beta   90.000
_cell.angle_gamma   120.000
#
_symmetry.space_group_name_H-M   'H 3'
#
_entity_poly.entity_id   1
_entity_poly.type   'polypeptide(L)'
_entity_poly.pdbx_seq_one_letter_code
;MIMSKIAETAKRLADSLRELRRILEELKEMLERLEKRPDKKVIVDVLKVIVKAIEASVENQRISASNQAALALAIAAEAV
KEIEEDIDRARKLKDEGNKEEAEKVLRKAREKIREVRDALDAIAKGAGTPDIALKAAELLVRLIKLLIEIAKLLQDAGNK
EEAEKVLREATELIKRVTELLEKIAKNSDTPELALRAAELLVRLIKLLIEIAKLLQEQGNKEEAEKVLREATKMIIRVAQ
LLVKIAKNSDEPELAKRAAELLKRLIELLKEIAKLLEEEGNEDEAEKVKEIAKILEEAVRELEERIIGGSWSGGGSEQKL
ISEEDLGGS
;
_entity_poly.pdbx_strand_id   A
#
# COMPACT_ATOMS: atom_id res chain seq x y z
N ILE A 2 10.20 5.32 -6.58
CA ILE A 2 9.20 6.31 -6.95
C ILE A 2 9.73 7.21 -8.06
N MET A 3 10.95 7.71 -7.86
CA MET A 3 11.58 8.55 -8.88
C MET A 3 11.86 7.77 -10.15
N SER A 4 12.09 6.46 -10.03
CA SER A 4 12.23 5.62 -11.21
C SER A 4 10.92 5.43 -11.94
N LYS A 5 9.80 5.40 -11.21
CA LYS A 5 8.49 5.36 -11.85
C LYS A 5 8.16 6.68 -12.52
N ILE A 6 8.68 7.79 -11.98
CA ILE A 6 8.58 9.06 -12.70
C ILE A 6 9.35 8.99 -14.00
N ALA A 7 10.46 8.23 -14.03
CA ALA A 7 11.23 8.08 -15.26
C ALA A 7 10.48 7.25 -16.28
N GLU A 8 9.98 6.08 -15.87
CA GLU A 8 9.28 5.20 -16.81
C GLU A 8 8.05 5.88 -17.39
N THR A 9 7.23 6.49 -16.53
CA THR A 9 6.02 7.16 -17.00
C THR A 9 6.36 8.33 -17.92
N ALA A 10 7.49 9.00 -17.67
CA ALA A 10 7.90 10.09 -18.55
C ALA A 10 8.38 9.57 -19.90
N LYS A 11 9.15 8.48 -19.88
CA LYS A 11 9.63 7.90 -21.13
C LYS A 11 8.48 7.36 -21.97
N ARG A 12 7.51 6.70 -21.33
CA ARG A 12 6.36 6.19 -22.06
C ARG A 12 5.47 7.33 -22.54
N LEU A 13 5.36 8.40 -21.76
CA LEU A 13 4.63 9.58 -22.21
C LEU A 13 5.31 10.21 -23.42
N ALA A 14 6.64 10.24 -23.42
CA ALA A 14 7.36 10.82 -24.55
C ALA A 14 7.14 10.02 -25.82
N ASP A 15 7.01 8.70 -25.69
CA ASP A 15 6.77 7.86 -26.87
C ASP A 15 5.37 8.09 -27.42
N SER A 16 4.37 8.10 -26.54
CA SER A 16 2.99 8.32 -26.99
C SER A 16 2.81 9.69 -27.60
N LEU A 17 3.54 10.70 -27.10
CA LEU A 17 3.44 12.04 -27.66
C LEU A 17 4.10 12.10 -29.04
N ARG A 18 5.19 11.36 -29.22
CA ARG A 18 5.81 11.27 -30.54
C ARG A 18 4.89 10.61 -31.55
N GLU A 19 4.31 9.46 -31.18
CA GLU A 19 3.37 8.78 -32.05
C GLU A 19 2.11 9.60 -32.27
N LEU A 20 1.69 10.38 -31.27
CA LEU A 20 0.56 11.27 -31.45
C LEU A 20 0.90 12.40 -32.44
N ARG A 21 2.16 12.84 -32.44
CA ARG A 21 2.56 13.85 -33.42
C ARG A 21 2.68 13.23 -34.81
N ARG A 22 3.12 11.97 -34.90
CA ARG A 22 3.16 11.29 -36.19
C ARG A 22 1.74 11.08 -36.72
N ILE A 23 0.83 10.61 -35.87
CA ILE A 23 -0.55 10.40 -36.30
C ILE A 23 -1.24 11.73 -36.61
N LEU A 24 -0.69 12.84 -36.13
CA LEU A 24 -1.20 14.15 -36.52
C LEU A 24 -0.78 14.50 -37.94
N GLU A 25 0.48 14.20 -38.30
CA GLU A 25 0.93 14.45 -39.66
C GLU A 25 0.22 13.54 -40.65
N GLU A 26 -0.06 12.30 -40.26
CA GLU A 26 -0.84 11.41 -41.12
C GLU A 26 -2.29 11.87 -41.19
N LEU A 27 -2.77 12.56 -40.16
CA LEU A 27 -4.10 13.16 -40.23
C LEU A 27 -4.15 14.29 -41.25
N LYS A 28 -3.06 15.05 -41.36
CA LYS A 28 -3.00 16.13 -42.34
C LYS A 28 -2.69 15.61 -43.74
N GLU A 29 -2.02 14.47 -43.85
CA GLU A 29 -1.86 13.85 -45.16
C GLU A 29 -3.19 13.31 -45.68
N MET A 30 -4.03 12.79 -44.78
CA MET A 30 -5.37 12.39 -45.18
C MET A 30 -6.22 13.60 -45.56
N LEU A 31 -5.89 14.79 -45.07
CA LEU A 31 -6.53 16.00 -45.56
C LEU A 31 -6.14 16.26 -47.02
N GLU A 32 -4.89 15.98 -47.37
CA GLU A 32 -4.46 16.07 -48.76
C GLU A 32 -5.11 14.98 -49.61
N ARG A 33 -5.17 13.76 -49.08
CA ARG A 33 -5.78 12.66 -49.82
C ARG A 33 -7.27 12.89 -50.06
N LEU A 34 -7.93 13.65 -49.18
CA LEU A 34 -9.33 13.97 -49.35
C LEU A 34 -9.55 15.30 -50.06
N GLU A 35 -8.51 16.13 -50.19
CA GLU A 35 -8.64 17.37 -50.94
C GLU A 35 -8.59 17.12 -52.43
N LYS A 36 -7.80 16.13 -52.87
CA LYS A 36 -7.68 15.84 -54.30
C LYS A 36 -9.00 15.33 -54.86
N ARG A 37 -9.59 14.32 -54.22
CA ARG A 37 -10.85 13.76 -54.69
C ARG A 37 -11.55 13.00 -53.57
N PRO A 38 -12.82 13.28 -53.30
CA PRO A 38 -13.57 12.54 -52.30
C PRO A 38 -14.33 11.37 -52.90
N ASP A 39 -14.74 10.45 -52.01
CA ASP A 39 -15.49 9.28 -52.41
C ASP A 39 -16.33 8.78 -51.24
N LYS A 40 -17.22 7.84 -51.54
CA LYS A 40 -18.14 7.34 -50.51
C LYS A 40 -17.47 6.32 -49.59
N LYS A 41 -16.51 5.55 -50.11
CA LYS A 41 -15.80 4.56 -49.33
C LYS A 41 -14.37 4.96 -48.98
N VAL A 42 -13.80 5.93 -49.70
CA VAL A 42 -12.46 6.42 -49.36
C VAL A 42 -12.48 7.11 -48.00
N ILE A 43 -13.60 7.72 -47.63
CA ILE A 43 -13.71 8.38 -46.33
C ILE A 43 -13.52 7.38 -45.19
N VAL A 44 -13.93 6.12 -45.40
CA VAL A 44 -13.81 5.11 -44.35
C VAL A 44 -12.36 4.98 -43.89
N ASP A 45 -11.44 4.84 -44.85
CA ASP A 45 -10.03 4.71 -44.49
C ASP A 45 -9.45 6.00 -43.92
N VAL A 46 -10.08 7.15 -44.19
CA VAL A 46 -9.64 8.41 -43.60
C VAL A 46 -10.04 8.49 -42.14
N LEU A 47 -11.26 8.03 -41.81
CA LEU A 47 -11.69 8.00 -40.42
C LEU A 47 -10.87 7.03 -39.58
N LYS A 48 -10.25 6.04 -40.23
CA LYS A 48 -9.32 5.14 -39.56
C LYS A 48 -8.16 5.91 -38.94
N VAL A 49 -7.72 6.98 -39.60
CA VAL A 49 -6.66 7.82 -39.05
C VAL A 49 -7.19 8.71 -37.94
N ILE A 50 -8.39 9.26 -38.13
CA ILE A 50 -9.04 10.06 -37.08
C ILE A 50 -9.20 9.22 -35.82
N VAL A 51 -9.59 7.96 -35.98
CA VAL A 51 -9.68 7.07 -34.83
C VAL A 51 -8.29 6.81 -34.26
N LYS A 52 -7.31 6.56 -35.12
CA LYS A 52 -5.94 6.36 -34.63
C LYS A 52 -5.39 7.64 -34.03
N ALA A 53 -5.86 8.81 -34.48
CA ALA A 53 -5.40 10.07 -33.90
C ALA A 53 -5.94 10.23 -32.48
N ILE A 54 -7.24 9.98 -32.29
CA ILE A 54 -7.83 10.14 -30.97
C ILE A 54 -7.31 9.06 -30.02
N GLU A 55 -7.17 7.82 -30.52
CA GLU A 55 -6.66 6.76 -29.67
C GLU A 55 -5.20 7.02 -29.27
N ALA A 56 -4.41 7.60 -30.18
CA ALA A 56 -3.07 8.03 -29.82
C ALA A 56 -3.11 9.17 -28.80
N SER A 57 -4.14 10.01 -28.88
CA SER A 57 -4.31 11.07 -27.90
C SER A 57 -4.80 10.51 -26.56
N VAL A 58 -5.72 9.56 -26.60
CA VAL A 58 -6.24 8.96 -25.36
C VAL A 58 -5.12 8.25 -24.61
N GLU A 59 -4.30 7.48 -25.33
CA GLU A 59 -3.20 6.78 -24.68
C GLU A 59 -2.18 7.76 -24.11
N ASN A 60 -1.97 8.88 -24.79
CA ASN A 60 -1.07 9.91 -24.26
C ASN A 60 -1.66 10.56 -23.03
N GLN A 61 -2.96 10.88 -23.07
CA GLN A 61 -3.64 11.39 -21.88
C GLN A 61 -3.72 10.34 -20.78
N ARG A 62 -3.59 9.06 -21.14
CA ARG A 62 -3.54 8.01 -20.12
C ARG A 62 -2.19 8.01 -19.41
N ILE A 63 -1.10 7.94 -20.19
CA ILE A 63 0.23 7.95 -19.60
C ILE A 63 0.51 9.28 -18.92
N SER A 64 -0.02 10.37 -19.48
CA SER A 64 0.10 11.67 -18.83
C SER A 64 -0.52 11.64 -17.44
N ALA A 65 -1.71 11.05 -17.33
CA ALA A 65 -2.33 10.86 -16.02
C ALA A 65 -1.50 9.93 -15.15
N SER A 66 -0.83 8.96 -15.77
CA SER A 66 0.05 8.06 -15.01
C SER A 66 1.31 8.78 -14.54
N ASN A 67 1.86 9.66 -15.39
CA ASN A 67 3.02 10.44 -14.97
C ASN A 67 2.66 11.41 -13.86
N GLN A 68 1.49 12.05 -13.96
CA GLN A 68 1.01 12.88 -12.86
C GLN A 68 0.83 12.08 -11.59
N ALA A 69 0.37 10.83 -11.72
CA ALA A 69 0.26 9.95 -10.56
C ALA A 69 1.61 9.69 -9.93
N ALA A 70 2.63 9.43 -10.77
CA ALA A 70 3.98 9.25 -10.25
C ALA A 70 4.49 10.52 -9.59
N LEU A 71 4.22 11.68 -10.20
CA LEU A 71 4.57 12.94 -9.57
C LEU A 71 3.78 13.15 -8.29
N ALA A 72 2.53 12.67 -8.24
CA ALA A 72 1.75 12.77 -7.02
C ALA A 72 2.25 11.80 -5.95
N LEU A 73 2.77 10.65 -6.35
CA LEU A 73 3.34 9.73 -5.38
C LEU A 73 4.63 10.27 -4.79
N ALA A 74 5.41 11.01 -5.56
CA ALA A 74 6.65 11.58 -5.05
C ALA A 74 6.37 12.76 -4.13
N ILE A 75 5.38 13.59 -4.47
CA ILE A 75 4.98 14.68 -3.59
C ILE A 75 4.40 14.14 -2.30
N ALA A 76 3.67 13.03 -2.38
CA ALA A 76 3.13 12.41 -1.18
C ALA A 76 4.22 11.82 -0.31
N ALA A 77 5.27 11.27 -0.93
CA ALA A 77 6.41 10.77 -0.16
C ALA A 77 7.12 11.89 0.57
N GLU A 78 7.29 13.03 -0.11
CA GLU A 78 7.84 14.21 0.57
C GLU A 78 6.93 14.69 1.68
N ALA A 79 5.62 14.51 1.53
CA ALA A 79 4.69 14.90 2.57
C ALA A 79 4.83 14.00 3.80
N VAL A 80 5.09 12.71 3.58
CA VAL A 80 5.32 11.81 4.71
C VAL A 80 6.61 12.18 5.43
N LYS A 81 7.63 12.56 4.67
CA LYS A 81 8.90 12.95 5.30
C LYS A 81 8.76 14.24 6.09
N GLU A 82 7.91 15.17 5.62
CA GLU A 82 7.63 16.37 6.39
C GLU A 82 6.91 16.02 7.70
N ILE A 83 5.96 15.08 7.62
CA ILE A 83 5.27 14.64 8.83
C ILE A 83 6.24 13.96 9.78
N GLU A 84 7.16 13.17 9.23
CA GLU A 84 8.12 12.45 10.08
C GLU A 84 9.08 13.43 10.76
N GLU A 85 9.50 14.48 10.05
CA GLU A 85 10.35 15.49 10.67
C GLU A 85 9.61 16.21 11.78
N ASP A 86 8.31 16.49 11.58
CA ASP A 86 7.54 17.16 12.62
C ASP A 86 7.19 16.21 13.77
N ILE A 87 7.15 14.91 13.52
CA ILE A 87 6.97 13.95 14.62
C ILE A 87 8.23 13.88 15.46
N ASP A 88 9.39 13.73 14.82
CA ASP A 88 10.65 13.76 15.56
C ASP A 88 10.86 15.11 16.23
N ARG A 89 10.34 16.18 15.64
CA ARG A 89 10.40 17.50 16.27
C ARG A 89 9.52 17.53 17.51
N ALA A 90 8.28 17.04 17.39
CA ALA A 90 7.41 16.93 18.56
C ALA A 90 7.97 15.94 19.57
N ARG A 91 8.68 14.91 19.11
CA ARG A 91 9.38 14.02 20.02
C ARG A 91 10.49 14.77 20.76
N LYS A 92 11.21 15.64 20.05
CA LYS A 92 12.21 16.46 20.70
C LYS A 92 11.57 17.41 21.71
N LEU A 93 10.39 17.93 21.39
CA LEU A 93 9.72 18.83 22.33
C LEU A 93 9.31 18.10 23.61
N LYS A 94 8.90 16.85 23.50
CA LYS A 94 8.59 16.07 24.70
C LYS A 94 9.85 15.80 25.51
N ASP A 95 10.96 15.51 24.84
CA ASP A 95 12.21 15.27 25.55
C ASP A 95 12.81 16.56 26.09
N GLU A 96 12.68 17.66 25.34
CA GLU A 96 13.22 18.93 25.79
C GLU A 96 12.41 19.50 26.96
N GLY A 97 11.10 19.32 26.92
CA GLY A 97 10.25 19.82 27.99
C GLY A 97 8.91 20.35 27.51
N ASN A 98 8.83 20.75 26.25
CA ASN A 98 7.60 21.29 25.67
C ASN A 98 6.67 20.16 25.26
N LYS A 99 6.15 19.47 26.28
CA LYS A 99 5.14 18.44 26.04
C LYS A 99 3.79 19.05 25.67
N GLU A 100 3.56 20.31 26.01
CA GLU A 100 2.29 20.95 25.70
C GLU A 100 2.24 21.41 24.24
N GLU A 101 3.35 21.96 23.74
CA GLU A 101 3.38 22.43 22.37
C GLU A 101 3.47 21.30 21.36
N ALA A 102 4.07 20.16 21.76
CA ALA A 102 4.15 19.02 20.86
C ALA A 102 2.77 18.49 20.51
N GLU A 103 1.79 18.69 21.39
CA GLU A 103 0.44 18.23 21.10
C GLU A 103 -0.19 19.01 19.95
N LYS A 104 0.23 20.27 19.76
CA LYS A 104 -0.22 21.02 18.60
C LYS A 104 0.52 20.59 17.33
N VAL A 105 1.78 20.18 17.46
CA VAL A 105 2.51 19.67 16.30
C VAL A 105 1.94 18.32 15.88
N LEU A 106 1.50 17.51 16.83
CA LEU A 106 0.95 16.20 16.50
C LEU A 106 -0.45 16.32 15.91
N ARG A 107 -1.24 17.29 16.38
CA ARG A 107 -2.56 17.51 15.78
C ARG A 107 -2.43 18.06 14.36
N LYS A 108 -1.37 18.83 14.09
CA LYS A 108 -1.09 19.23 12.72
C LYS A 108 -0.75 18.03 11.86
N ALA A 109 0.18 17.20 12.33
CA ALA A 109 0.59 16.03 11.56
C ALA A 109 -0.58 15.08 11.32
N ARG A 110 -1.51 14.98 12.27
CA ARG A 110 -2.68 14.13 12.09
C ARG A 110 -3.56 14.66 10.95
N GLU A 111 -3.78 15.98 10.92
CA GLU A 111 -4.49 16.56 9.78
C GLU A 111 -3.68 16.43 8.50
N LYS A 112 -2.35 16.47 8.60
CA LYS A 112 -1.51 16.20 7.44
C LYS A 112 -1.66 14.75 6.99
N ILE A 113 -1.59 13.81 7.93
CA ILE A 113 -1.69 12.39 7.60
C ILE A 113 -3.03 12.11 6.92
N ARG A 114 -4.11 12.72 7.42
CA ARG A 114 -5.41 12.54 6.78
C ARG A 114 -5.40 13.07 5.35
N GLU A 115 -4.70 14.17 5.11
CA GLU A 115 -4.66 14.78 3.78
C GLU A 115 -3.81 13.97 2.82
N VAL A 116 -2.64 13.49 3.26
CA VAL A 116 -1.83 12.62 2.42
C VAL A 116 -2.55 11.29 2.18
N ARG A 117 -3.32 10.85 3.18
CA ARG A 117 -4.10 9.62 3.02
C ARG A 117 -5.15 9.79 1.93
N ASP A 118 -5.88 10.91 1.94
CA ASP A 118 -6.91 11.14 0.95
C ASP A 118 -6.33 11.20 -0.46
N ALA A 119 -5.11 11.73 -0.61
CA ALA A 119 -4.47 11.73 -1.92
C ALA A 119 -4.01 10.34 -2.32
N LEU A 120 -3.27 9.67 -1.44
CA LEU A 120 -2.75 8.34 -1.75
C LEU A 120 -3.87 7.35 -2.04
N ASP A 121 -4.97 7.44 -1.30
CA ASP A 121 -6.11 6.59 -1.59
C ASP A 121 -6.72 6.91 -2.95
N ALA A 122 -6.74 8.19 -3.31
CA ALA A 122 -7.24 8.56 -4.64
C ALA A 122 -6.29 8.09 -5.74
N ILE A 123 -4.98 8.23 -5.51
CA ILE A 123 -3.99 7.74 -6.47
C ILE A 123 -4.09 6.23 -6.62
N ALA A 124 -4.47 5.53 -5.55
CA ALA A 124 -4.58 4.09 -5.61
C ALA A 124 -5.77 3.65 -6.46
N LYS A 125 -6.90 4.33 -6.32
CA LYS A 125 -8.09 3.98 -7.09
C LYS A 125 -7.84 4.15 -8.58
N GLY A 126 -7.46 5.35 -9.00
CA GLY A 126 -7.17 5.62 -10.39
C GLY A 126 -5.73 5.29 -10.76
N ALA A 127 -5.39 4.01 -10.76
CA ALA A 127 -4.04 3.54 -11.05
C ALA A 127 -4.10 2.68 -12.31
N GLY A 128 -3.72 3.25 -13.45
CA GLY A 128 -3.64 2.47 -14.68
C GLY A 128 -2.62 1.36 -14.58
N THR A 129 -1.52 1.60 -13.88
CA THR A 129 -0.53 0.59 -13.57
C THR A 129 -0.63 0.22 -12.10
N PRO A 130 -0.63 -1.08 -11.76
CA PRO A 130 -0.76 -1.46 -10.34
C PRO A 130 0.41 -1.05 -9.49
N ASP A 131 1.58 -0.76 -10.07
CA ASP A 131 2.69 -0.28 -9.28
C ASP A 131 2.39 1.09 -8.67
N ILE A 132 1.57 1.89 -9.36
CA ILE A 132 1.10 3.15 -8.78
C ILE A 132 0.32 2.89 -7.51
N ALA A 133 -0.49 1.83 -7.49
CA ALA A 133 -1.29 1.52 -6.31
C ALA A 133 -0.43 0.97 -5.19
N LEU A 134 0.56 0.12 -5.52
CA LEU A 134 1.41 -0.46 -4.50
C LEU A 134 2.30 0.59 -3.85
N LYS A 135 2.93 1.44 -4.67
CA LYS A 135 3.70 2.55 -4.13
C LYS A 135 2.82 3.46 -3.28
N ALA A 136 1.57 3.66 -3.71
CA ALA A 136 0.62 4.43 -2.89
C ALA A 136 0.32 3.71 -1.59
N ALA A 137 0.14 2.39 -1.65
CA ALA A 137 -0.07 1.62 -0.42
C ALA A 137 1.18 1.60 0.44
N GLU A 138 2.36 1.62 -0.17
CA GLU A 138 3.60 1.63 0.59
C GLU A 138 3.75 2.91 1.39
N LEU A 139 3.25 4.03 0.85
CA LEU A 139 3.27 5.29 1.59
C LEU A 139 2.13 5.38 2.60
N LEU A 140 0.96 4.80 2.27
CA LEU A 140 -0.11 4.73 3.25
C LEU A 140 0.29 3.88 4.44
N VAL A 141 1.14 2.88 4.23
CA VAL A 141 1.69 2.11 5.35
C VAL A 141 2.54 3.00 6.23
N ARG A 142 3.37 3.87 5.62
CA ARG A 142 4.20 4.77 6.39
C ARG A 142 3.36 5.78 7.17
N LEU A 143 2.24 6.23 6.58
CA LEU A 143 1.34 7.11 7.30
C LEU A 143 0.78 6.43 8.54
N ILE A 144 0.50 5.13 8.45
CA ILE A 144 -0.06 4.40 9.58
C ILE A 144 0.99 4.23 10.68
N LYS A 145 2.23 3.86 10.30
CA LYS A 145 3.29 3.75 11.29
C LYS A 145 3.60 5.11 11.91
N LEU A 146 3.54 6.18 11.12
CA LEU A 146 3.69 7.51 11.68
C LEU A 146 2.52 7.86 12.59
N LEU A 147 1.32 7.37 12.27
CA LEU A 147 0.19 7.55 13.17
C LEU A 147 0.39 6.79 14.47
N ILE A 148 1.06 5.64 14.41
CA ILE A 148 1.36 4.87 15.62
C ILE A 148 2.40 5.60 16.45
N GLU A 149 3.44 6.14 15.80
CA GLU A 149 4.45 6.90 16.53
C GLU A 149 3.85 8.16 17.16
N ILE A 150 2.82 8.73 16.54
CA ILE A 150 2.12 9.86 17.14
C ILE A 150 1.42 9.43 18.42
N ALA A 151 0.69 8.32 18.36
CA ALA A 151 -0.04 7.85 19.54
C ALA A 151 0.90 7.45 20.68
N LYS A 152 2.08 6.95 20.35
CA LYS A 152 3.03 6.60 21.41
C LYS A 152 3.56 7.85 22.10
N LEU A 153 3.74 8.94 21.34
CA LEU A 153 4.13 10.20 21.95
C LEU A 153 3.01 10.75 22.81
N LEU A 154 1.76 10.63 22.35
CA LEU A 154 0.62 11.03 23.17
C LEU A 154 0.55 10.19 24.45
N GLN A 155 0.78 8.88 24.32
CA GLN A 155 0.81 8.02 25.50
C GLN A 155 1.99 8.36 26.41
N ASP A 156 3.16 8.62 25.82
CA ASP A 156 4.31 9.04 26.62
C ASP A 156 4.06 10.40 27.26
N ALA A 157 3.34 11.29 26.58
CA ALA A 157 2.97 12.57 27.16
C ALA A 157 1.78 12.46 28.11
N GLY A 158 1.13 11.30 28.17
CA GLY A 158 0.02 11.07 29.08
C GLY A 158 -1.35 11.20 28.45
N ASN A 159 -1.44 11.61 27.20
CA ASN A 159 -2.73 11.77 26.51
C ASN A 159 -3.18 10.40 25.99
N LYS A 160 -3.49 9.51 26.93
CA LYS A 160 -3.92 8.17 26.57
C LYS A 160 -5.25 8.19 25.84
N GLU A 161 -6.18 9.04 26.27
CA GLU A 161 -7.47 9.15 25.58
C GLU A 161 -7.31 9.72 24.19
N GLU A 162 -6.35 10.63 23.99
CA GLU A 162 -6.07 11.15 22.67
C GLU A 162 -5.39 10.11 21.78
N ALA A 163 -4.60 9.22 22.39
CA ALA A 163 -3.86 8.23 21.60
C ALA A 163 -4.75 7.08 21.14
N GLU A 164 -5.78 6.73 21.92
CA GLU A 164 -6.68 5.67 21.52
C GLU A 164 -7.40 6.01 20.22
N LYS A 165 -7.94 7.22 20.14
CA LYS A 165 -8.61 7.65 18.91
C LYS A 165 -7.65 7.66 17.73
N VAL A 166 -6.40 8.08 17.98
CA VAL A 166 -5.37 7.99 16.93
C VAL A 166 -5.14 6.53 16.55
N LEU A 167 -5.04 5.65 17.56
CA LEU A 167 -4.86 4.24 17.27
C LEU A 167 -6.09 3.64 16.59
N ARG A 168 -7.29 4.12 16.95
CA ARG A 168 -8.48 3.68 16.24
C ARG A 168 -8.49 4.19 14.81
N GLU A 169 -7.88 5.35 14.57
CA GLU A 169 -7.81 5.88 13.21
C GLU A 169 -6.83 5.08 12.36
N ALA A 170 -5.68 4.72 12.93
CA ALA A 170 -4.75 3.86 12.22
C ALA A 170 -5.32 2.45 12.04
N THR A 171 -6.14 1.99 12.98
CA THR A 171 -6.79 0.70 12.83
C THR A 171 -7.72 0.70 11.63
N GLU A 172 -8.46 1.79 11.43
CA GLU A 172 -9.33 1.88 10.27
C GLU A 172 -8.55 2.11 8.98
N LEU A 173 -7.37 2.75 9.08
CA LEU A 173 -6.53 2.94 7.91
C LEU A 173 -5.90 1.63 7.46
N ILE A 174 -5.51 0.78 8.42
CA ILE A 174 -4.91 -0.51 8.09
C ILE A 174 -5.89 -1.37 7.30
N LYS A 175 -7.15 -1.41 7.73
CA LYS A 175 -8.16 -2.20 7.03
C LYS A 175 -8.35 -1.69 5.60
N ARG A 176 -8.40 -0.37 5.42
CA ARG A 176 -8.60 0.19 4.08
C ARG A 176 -7.44 -0.17 3.16
N VAL A 177 -6.21 0.01 3.64
CA VAL A 177 -5.04 -0.35 2.84
C VAL A 177 -4.98 -1.86 2.65
N THR A 178 -5.39 -2.62 3.68
CA THR A 178 -5.41 -4.08 3.56
C THR A 178 -6.33 -4.53 2.43
N GLU A 179 -7.53 -3.94 2.35
CA GLU A 179 -8.45 -4.31 1.28
C GLU A 179 -7.89 -3.94 -0.08
N LEU A 180 -7.20 -2.80 -0.18
CA LEU A 180 -6.54 -2.45 -1.42
C LEU A 180 -5.44 -3.43 -1.77
N LEU A 181 -4.61 -3.78 -0.78
CA LEU A 181 -3.54 -4.74 -1.01
C LEU A 181 -4.09 -6.11 -1.37
N GLU A 182 -5.23 -6.49 -0.79
CA GLU A 182 -5.86 -7.75 -1.16
C GLU A 182 -6.37 -7.72 -2.59
N LYS A 183 -6.91 -6.58 -3.03
CA LYS A 183 -7.36 -6.46 -4.42
C LYS A 183 -6.18 -6.50 -5.38
N ILE A 184 -5.08 -5.85 -5.03
CA ILE A 184 -3.88 -5.89 -5.87
C ILE A 184 -3.36 -7.31 -5.99
N ALA A 185 -3.33 -8.04 -4.88
CA ALA A 185 -2.82 -9.41 -4.91
C ALA A 185 -3.78 -10.35 -5.63
N LYS A 186 -5.09 -10.18 -5.40
CA LYS A 186 -6.09 -10.97 -6.12
C LYS A 186 -5.96 -10.77 -7.62
N ASN A 187 -5.88 -9.51 -8.06
CA ASN A 187 -5.83 -9.17 -9.47
C ASN A 187 -4.41 -9.13 -10.03
N SER A 188 -3.42 -9.59 -9.27
CA SER A 188 -2.04 -9.53 -9.71
C SER A 188 -1.81 -10.50 -10.86
N ASP A 189 -1.36 -9.97 -12.00
CA ASP A 189 -1.06 -10.84 -13.15
C ASP A 189 0.24 -11.59 -12.93
N THR A 190 1.25 -10.95 -12.32
CA THR A 190 2.52 -11.58 -12.04
C THR A 190 2.64 -11.91 -10.56
N PRO A 191 3.36 -12.98 -10.21
CA PRO A 191 3.54 -13.30 -8.77
C PRO A 191 4.37 -12.28 -8.02
N GLU A 192 5.15 -11.46 -8.72
CA GLU A 192 5.97 -10.46 -8.04
C GLU A 192 5.09 -9.39 -7.38
N LEU A 193 4.06 -8.93 -8.07
CA LEU A 193 3.21 -7.88 -7.52
C LEU A 193 2.41 -8.38 -6.33
N ALA A 194 1.96 -9.63 -6.37
CA ALA A 194 1.23 -10.19 -5.25
C ALA A 194 2.13 -10.34 -4.02
N LEU A 195 3.40 -10.66 -4.25
CA LEU A 195 4.35 -10.78 -3.13
C LEU A 195 4.66 -9.42 -2.55
N ARG A 196 4.75 -8.39 -3.39
CA ARG A 196 4.96 -7.03 -2.89
C ARG A 196 3.78 -6.57 -2.03
N ALA A 197 2.56 -6.92 -2.45
CA ALA A 197 1.40 -6.64 -1.61
C ALA A 197 1.45 -7.45 -0.32
N ALA A 198 1.96 -8.69 -0.39
CA ALA A 198 2.07 -9.51 0.80
C ALA A 198 3.12 -8.97 1.76
N GLU A 199 4.19 -8.38 1.24
CA GLU A 199 5.20 -7.78 2.12
C GLU A 199 4.61 -6.61 2.89
N LEU A 200 3.75 -5.81 2.26
CA LEU A 200 3.09 -4.72 2.96
C LEU A 200 2.01 -5.25 3.89
N LEU A 201 1.33 -6.32 3.50
CA LEU A 201 0.33 -6.92 4.37
C LEU A 201 0.97 -7.46 5.65
N VAL A 202 2.17 -8.03 5.53
CA VAL A 202 2.91 -8.47 6.71
C VAL A 202 3.25 -7.28 7.60
N ARG A 203 3.49 -6.12 7.00
CA ARG A 203 3.77 -4.93 7.79
C ARG A 203 2.51 -4.37 8.44
N LEU A 204 1.39 -4.36 7.71
CA LEU A 204 0.14 -3.88 8.29
C LEU A 204 -0.28 -4.72 9.49
N ILE A 205 0.05 -6.02 9.47
CA ILE A 205 -0.22 -6.86 10.63
C ILE A 205 0.67 -6.45 11.80
N LYS A 206 1.96 -6.21 11.53
CA LYS A 206 2.85 -5.78 12.58
C LYS A 206 2.48 -4.40 13.11
N LEU A 207 2.02 -3.52 12.22
CA LEU A 207 1.46 -2.25 12.66
C LEU A 207 0.23 -2.49 13.53
N LEU A 208 -0.65 -3.40 13.10
CA LEU A 208 -1.81 -3.75 13.90
C LEU A 208 -1.40 -4.34 15.25
N ILE A 209 -0.26 -5.02 15.31
CA ILE A 209 0.23 -5.56 16.57
C ILE A 209 0.74 -4.43 17.46
N GLU A 210 1.53 -3.52 16.90
CA GLU A 210 2.05 -2.41 17.69
C GLU A 210 0.91 -1.53 18.21
N ILE A 211 -0.20 -1.44 17.47
CA ILE A 211 -1.38 -0.76 17.99
C ILE A 211 -1.92 -1.51 19.20
N ALA A 212 -1.97 -2.84 19.12
CA ALA A 212 -2.50 -3.64 20.21
C ALA A 212 -1.68 -3.49 21.48
N LYS A 213 -0.35 -3.57 21.35
CA LYS A 213 0.50 -3.39 22.53
C LYS A 213 0.36 -1.97 23.09
N LEU A 214 0.30 -0.97 22.21
CA LEU A 214 0.07 0.39 22.68
C LEU A 214 -1.30 0.53 23.30
N LEU A 215 -2.30 -0.16 22.74
CA LEU A 215 -3.61 -0.18 23.37
C LEU A 215 -3.59 -0.89 24.72
N GLN A 216 -2.73 -1.90 24.86
CA GLN A 216 -2.57 -2.54 26.16
C GLN A 216 -1.88 -1.62 27.15
N GLU A 217 -0.92 -0.82 26.68
CA GLU A 217 -0.23 0.10 27.58
C GLU A 217 -1.15 1.18 28.10
N GLN A 218 -2.14 1.59 27.30
CA GLN A 218 -3.12 2.57 27.78
C GLN A 218 -4.05 1.96 28.82
N GLY A 219 -4.28 0.66 28.75
CA GLY A 219 -5.26 -0.02 29.56
C GLY A 219 -6.47 -0.51 28.78
N ASN A 220 -6.60 -0.11 27.52
CA ASN A 220 -7.72 -0.53 26.68
C ASN A 220 -7.51 -1.95 26.15
N LYS A 221 -7.32 -2.88 27.10
CA LYS A 221 -7.18 -4.29 26.77
C LYS A 221 -8.45 -4.87 26.17
N GLU A 222 -9.57 -4.16 26.25
CA GLU A 222 -10.81 -4.62 25.62
C GLU A 222 -10.80 -4.41 24.11
N GLU A 223 -10.14 -3.35 23.63
CA GLU A 223 -10.08 -3.09 22.19
C GLU A 223 -8.86 -3.72 21.54
N ALA A 224 -7.75 -3.85 22.27
CA ALA A 224 -6.58 -4.54 21.72
C ALA A 224 -6.92 -6.00 21.41
N GLU A 225 -7.86 -6.58 22.15
CA GLU A 225 -8.38 -7.89 21.80
C GLU A 225 -9.00 -7.86 20.40
N LYS A 226 -9.89 -6.89 20.17
CA LYS A 226 -10.51 -6.75 18.85
C LYS A 226 -9.47 -6.50 17.78
N VAL A 227 -8.44 -5.70 18.10
CA VAL A 227 -7.41 -5.40 17.12
C VAL A 227 -6.58 -6.65 16.81
N LEU A 228 -6.25 -7.43 17.84
CA LEU A 228 -5.54 -8.68 17.59
C LEU A 228 -6.40 -9.68 16.84
N ARG A 229 -7.72 -9.58 16.97
CA ARG A 229 -8.59 -10.43 16.17
C ARG A 229 -8.52 -10.06 14.69
N GLU A 230 -8.29 -8.77 14.39
CA GLU A 230 -8.12 -8.35 13.00
C GLU A 230 -6.74 -8.72 12.46
N ALA A 231 -5.71 -8.69 13.31
CA ALA A 231 -4.40 -9.12 12.88
C ALA A 231 -4.35 -10.62 12.65
N THR A 232 -4.95 -11.39 13.57
CA THR A 232 -4.98 -12.84 13.39
C THR A 232 -5.79 -13.24 12.17
N LYS A 233 -6.87 -12.51 11.89
CA LYS A 233 -7.64 -12.76 10.67
C LYS A 233 -6.81 -12.42 9.44
N MET A 234 -6.13 -11.27 9.47
CA MET A 234 -5.35 -10.85 8.30
C MET A 234 -4.20 -11.81 8.02
N ILE A 235 -3.58 -12.36 9.07
CA ILE A 235 -2.51 -13.32 8.88
C ILE A 235 -3.00 -14.54 8.12
N ILE A 236 -4.23 -14.98 8.42
CA ILE A 236 -4.80 -16.13 7.72
C ILE A 236 -4.96 -15.83 6.24
N ARG A 237 -5.51 -14.65 5.93
CA ARG A 237 -5.66 -14.25 4.52
C ARG A 237 -4.31 -14.19 3.83
N VAL A 238 -3.32 -13.55 4.46
CA VAL A 238 -2.00 -13.42 3.86
C VAL A 238 -1.37 -14.80 3.69
N ALA A 239 -1.52 -15.67 4.69
CA ALA A 239 -0.96 -17.01 4.58
C ALA A 239 -1.61 -17.78 3.43
N GLN A 240 -2.93 -17.65 3.27
CA GLN A 240 -3.58 -18.20 2.09
C GLN A 240 -2.95 -17.63 0.82
N LEU A 241 -2.67 -16.33 0.82
CA LEU A 241 -2.04 -15.72 -0.35
C LEU A 241 -0.60 -16.18 -0.51
N LEU A 242 0.16 -16.21 0.59
CA LEU A 242 1.57 -16.59 0.51
C LEU A 242 1.73 -18.03 0.04
N VAL A 243 0.89 -18.93 0.52
CA VAL A 243 0.98 -20.33 0.09
C VAL A 243 0.61 -20.45 -1.39
N LYS A 244 -0.36 -19.65 -1.84
CA LYS A 244 -0.76 -19.70 -3.25
C LYS A 244 0.31 -19.11 -4.15
N ILE A 245 0.98 -18.04 -3.70
CA ILE A 245 2.04 -17.44 -4.50
C ILE A 245 3.19 -18.43 -4.69
N ALA A 246 3.56 -19.13 -3.61
CA ALA A 246 4.68 -20.06 -3.68
C ALA A 246 4.32 -21.33 -4.44
N LYS A 247 3.05 -21.75 -4.38
CA LYS A 247 2.61 -22.92 -5.14
C LYS A 247 2.81 -22.70 -6.64
N ASN A 248 2.29 -21.59 -7.16
CA ASN A 248 2.39 -21.25 -8.57
C ASN A 248 3.50 -20.20 -8.71
N SER A 249 4.73 -20.69 -8.68
CA SER A 249 5.91 -19.82 -8.65
C SER A 249 6.57 -19.79 -10.03
N ASP A 250 6.58 -18.61 -10.65
CA ASP A 250 7.36 -18.40 -11.86
C ASP A 250 8.83 -18.72 -11.61
N GLU A 251 9.44 -18.03 -10.65
CA GLU A 251 10.77 -18.37 -10.17
C GLU A 251 10.69 -18.94 -8.76
N PRO A 252 11.59 -19.87 -8.39
CA PRO A 252 11.59 -20.37 -7.01
C PRO A 252 11.95 -19.32 -5.98
N GLU A 253 12.57 -18.21 -6.40
CA GLU A 253 12.91 -17.14 -5.46
C GLU A 253 11.66 -16.51 -4.86
N LEU A 254 10.54 -16.56 -5.59
CA LEU A 254 9.28 -16.06 -5.07
C LEU A 254 8.70 -16.96 -3.99
N ALA A 255 9.09 -18.23 -3.98
CA ALA A 255 8.63 -19.14 -2.94
C ALA A 255 9.40 -18.96 -1.64
N LYS A 256 10.72 -18.77 -1.73
CA LYS A 256 11.53 -18.56 -0.54
C LYS A 256 11.18 -17.26 0.15
N ARG A 257 10.90 -16.21 -0.62
CA ARG A 257 10.46 -14.94 -0.04
C ARG A 257 9.10 -15.10 0.62
N ALA A 258 8.22 -15.90 0.03
CA ALA A 258 6.96 -16.25 0.69
C ALA A 258 7.21 -17.13 1.91
N ALA A 259 8.27 -17.94 1.88
CA ALA A 259 8.64 -18.71 3.06
C ALA A 259 9.15 -17.81 4.18
N GLU A 260 9.94 -16.79 3.83
CA GLU A 260 10.38 -15.82 4.83
C GLU A 260 9.20 -15.06 5.43
N LEU A 261 8.27 -14.63 4.57
CA LEU A 261 7.09 -13.92 5.06
C LEU A 261 6.19 -14.83 5.89
N LEU A 262 6.02 -16.08 5.46
CA LEU A 262 5.24 -17.02 6.25
C LEU A 262 5.86 -17.27 7.61
N LYS A 263 7.20 -17.22 7.70
CA LYS A 263 7.84 -17.25 9.01
C LYS A 263 7.50 -16.00 9.81
N ARG A 264 7.46 -14.85 9.14
CA ARG A 264 7.12 -13.60 9.82
C ARG A 264 5.68 -13.65 10.34
N LEU A 265 4.76 -14.23 9.57
CA LEU A 265 3.40 -14.40 10.05
C LEU A 265 3.37 -15.27 11.30
N ILE A 266 4.23 -16.28 11.35
CA ILE A 266 4.33 -17.10 12.55
C ILE A 266 4.85 -16.28 13.72
N GLU A 267 5.95 -15.55 13.50
CA GLU A 267 6.53 -14.74 14.57
C GLU A 267 5.53 -13.70 15.05
N LEU A 268 4.93 -12.95 14.12
CA LEU A 268 3.90 -11.99 14.50
C LEU A 268 2.76 -12.67 15.25
N LEU A 269 2.43 -13.91 14.89
CA LEU A 269 1.39 -14.65 15.61
C LEU A 269 1.85 -15.02 17.01
N LYS A 270 3.16 -15.15 17.24
CA LYS A 270 3.66 -15.41 18.59
C LYS A 270 3.43 -14.21 19.50
N GLU A 271 3.73 -13.00 19.02
CA GLU A 271 3.51 -11.81 19.83
C GLU A 271 2.03 -11.62 20.12
N ILE A 272 1.16 -11.95 19.17
CA ILE A 272 -0.28 -11.88 19.40
C ILE A 272 -0.67 -12.77 20.57
N ALA A 273 -0.19 -14.01 20.57
CA ALA A 273 -0.46 -14.90 21.69
C ALA A 273 0.21 -14.41 22.96
N LYS A 274 1.40 -13.81 22.83
CA LYS A 274 2.06 -13.24 24.01
C LYS A 274 1.27 -12.05 24.55
N LEU A 275 0.77 -11.20 23.65
CA LEU A 275 -0.05 -10.07 24.08
C LEU A 275 -1.40 -10.56 24.60
N LEU A 276 -1.98 -11.57 23.96
CA LEU A 276 -3.21 -12.15 24.46
C LEU A 276 -3.00 -12.82 25.81
N GLU A 277 -1.80 -13.35 26.06
CA GLU A 277 -1.48 -13.87 27.38
C GLU A 277 -1.47 -12.76 28.42
N GLU A 278 -0.86 -11.62 28.10
CA GLU A 278 -0.85 -10.49 29.01
C GLU A 278 -2.24 -9.92 29.22
N GLU A 279 -3.10 -10.02 28.21
CA GLU A 279 -4.50 -9.61 28.37
C GLU A 279 -5.30 -10.61 29.20
N GLY A 280 -4.77 -11.81 29.42
CA GLY A 280 -5.46 -12.84 30.15
C GLY A 280 -6.18 -13.85 29.28
N ASN A 281 -6.41 -13.53 28.01
CA ASN A 281 -7.12 -14.42 27.08
C ASN A 281 -6.17 -15.51 26.60
N GLU A 282 -5.77 -16.37 27.55
CA GLU A 282 -4.88 -17.48 27.20
C GLU A 282 -5.60 -18.51 26.34
N ASP A 283 -6.92 -18.63 26.49
CA ASP A 283 -7.68 -19.56 25.66
C ASP A 283 -7.60 -19.19 24.18
N GLU A 284 -7.87 -17.93 23.87
CA GLU A 284 -7.69 -17.44 22.50
C GLU A 284 -6.23 -17.37 22.12
N ALA A 285 -5.32 -17.31 23.09
CA ALA A 285 -3.90 -17.28 22.80
C ALA A 285 -3.40 -18.64 22.32
N GLU A 286 -3.81 -19.72 22.99
CA GLU A 286 -3.44 -21.05 22.52
C GLU A 286 -4.03 -21.35 21.15
N LYS A 287 -5.24 -20.84 20.88
CA LYS A 287 -5.80 -20.96 19.54
C LYS A 287 -4.98 -20.18 18.53
N VAL A 288 -4.38 -19.06 18.96
CA VAL A 288 -3.48 -18.32 18.07
C VAL A 288 -2.20 -19.11 17.82
N LYS A 289 -1.68 -19.78 18.86
CA LYS A 289 -0.55 -20.68 18.66
C LYS A 289 -0.91 -21.85 17.77
N GLU A 290 -2.17 -22.29 17.82
CA GLU A 290 -2.62 -23.37 16.95
C GLU A 290 -2.54 -22.97 15.48
N ILE A 291 -2.88 -21.72 15.18
CA ILE A 291 -2.73 -21.22 13.82
C ILE A 291 -1.26 -21.12 13.45
N ALA A 292 -0.40 -20.78 14.41
CA ALA A 292 1.03 -20.71 14.13
C ALA A 292 1.58 -22.07 13.73
N LYS A 293 1.13 -23.13 14.40
CA LYS A 293 1.56 -24.47 14.02
C LYS A 293 0.96 -24.89 12.67
N ILE A 294 -0.19 -24.34 12.30
CA ILE A 294 -0.72 -24.55 10.96
C ILE A 294 0.20 -23.91 9.93
N LEU A 295 0.62 -22.67 10.18
CA LEU A 295 1.50 -21.99 9.24
C LEU A 295 2.88 -22.64 9.21
N GLU A 296 3.38 -23.06 10.36
CA GLU A 296 4.66 -23.76 10.40
C GLU A 296 4.66 -24.97 9.47
N GLU A 297 3.60 -25.80 9.56
CA GLU A 297 3.46 -26.91 8.62
C GLU A 297 3.37 -26.41 7.18
N ALA A 298 2.73 -25.26 6.97
CA ALA A 298 2.67 -24.69 5.63
C ALA A 298 4.04 -24.24 5.15
N VAL A 299 4.86 -23.70 6.06
CA VAL A 299 6.21 -23.31 5.68
C VAL A 299 7.06 -24.56 5.45
N ARG A 300 6.90 -25.57 6.30
CA ARG A 300 7.70 -26.79 6.16
C ARG A 300 7.46 -27.46 4.80
N GLU A 301 6.19 -27.59 4.41
CA GLU A 301 5.88 -28.21 3.12
C GLU A 301 6.40 -27.37 1.96
N LEU A 302 6.49 -26.05 2.13
CA LEU A 302 7.08 -25.21 1.09
C LEU A 302 8.58 -25.47 0.96
N GLU A 303 9.28 -25.60 2.08
CA GLU A 303 10.71 -25.91 2.03
C GLU A 303 10.97 -27.28 1.41
N GLU A 304 10.01 -28.20 1.52
CA GLU A 304 10.15 -29.50 0.88
C GLU A 304 10.08 -29.36 -0.64
N ARG A 305 9.18 -28.52 -1.15
CA ARG A 305 9.14 -28.25 -2.58
C ARG A 305 10.37 -27.46 -3.02
N ILE A 306 10.96 -26.67 -2.12
CA ILE A 306 12.20 -25.97 -2.44
C ILE A 306 13.31 -26.97 -2.73
N ILE A 307 13.30 -28.11 -2.07
CA ILE A 307 14.34 -29.13 -2.24
C ILE A 307 13.82 -30.21 -3.17
N GLY A 308 12.51 -30.42 -3.19
CA GLY A 308 11.90 -31.41 -4.06
C GLY A 308 11.16 -30.81 -5.23
#